data_2JSL
#
_entry.id   2JSL
#
_cell.length_a   1.000
_cell.length_b   1.000
_cell.length_c   1.000
_cell.angle_alpha   90.00
_cell.angle_beta   90.00
_cell.angle_gamma   90.00
#
_symmetry.space_group_name_H-M   'P 1'
#
_entity_poly.entity_id   1
_entity_poly.type   'polydeoxyribonucleotide'
_entity_poly.pdbx_seq_one_letter_code
;(DT)(DA)(DG)(DG)(DG)(DT)(DT)(DA)(DG)(DG)(DG)(DT)(DT)(DA)(DG)(DG)(DG)(DT)(DT)(DA)
(DG)(DG)(DG)(DT)(DT)
;
_entity_poly.pdbx_strand_id   A
#